data_3S3F
#
_entry.id   3S3F
#
_cell.length_a   103.070
_cell.length_b   103.070
_cell.length_c   173.401
_cell.angle_alpha   90.00
_cell.angle_beta   90.00
_cell.angle_gamma   120.00
#
_symmetry.space_group_name_H-M   'P 31 2 1'
#
loop_
_entity.id
_entity.type
_entity.pdbx_description
1 polymer 'Tyrosine-protein phosphatase 10D'
2 non-polymer 1-BUTANOL
3 non-polymer 'ISOPROPYL ALCOHOL'
4 non-polymer 'VANADATE ION'
5 non-polymer 1,4-BUTANEDIOL
6 water water
#
_entity_poly.entity_id   1
_entity_poly.type   'polypeptide(L)'
_entity_poly.pdbx_seq_one_letter_code
;MGSSHHHHHHSSGLVPRGSHMASRPILIKNFAEHYRLMSADSDFRFSEEFEELKHVGRDQPCTFADLPCNRPKNRFTNIL
PYDHSRFKLQPVDDDEGSDYINANYVPGHNSPREFIVTQGPLHSTRDDFWRMCWESNSRAIVMLTRCFEKGREKCDQYWP
NDTVPVFYGDIKVQILNDSHYADWVMTEFMLCRGSEQRILRHFHFTTWPDFGVPNPPQTLVRFVRAFRDRIGAEQRPIVV
HCSAGVGRSGTFITLDRILQQINTSDYVDIFGIVYAMRKERVWMVQTEQQYICIHQCLLAVLEGKEN
;
_entity_poly.pdbx_strand_id   A,B
#
# COMPACT_ATOMS: atom_id res chain seq x y z
N SER A 19 5.97 29.01 -34.56
CA SER A 19 5.53 30.02 -33.56
C SER A 19 6.13 29.64 -32.23
N HIS A 20 6.69 30.61 -31.51
CA HIS A 20 7.61 30.22 -30.44
C HIS A 20 7.27 30.45 -28.96
N MET A 21 6.00 30.54 -28.61
CA MET A 21 5.67 30.53 -27.18
C MET A 21 5.66 29.13 -26.56
N ALA A 22 5.03 28.17 -27.23
CA ALA A 22 4.97 26.82 -26.69
C ALA A 22 5.69 25.81 -27.57
N SER A 23 6.74 26.26 -28.24
CA SER A 23 7.47 25.42 -29.19
C SER A 23 8.79 26.07 -29.64
N ARG A 24 9.86 25.28 -29.61
CA ARG A 24 11.13 25.66 -30.20
C ARG A 24 11.61 24.48 -31.04
N PRO A 25 11.08 24.36 -32.27
CA PRO A 25 11.55 23.31 -33.16
C PRO A 25 12.99 23.59 -33.58
N ILE A 26 13.78 22.54 -33.76
CA ILE A 26 15.15 22.66 -34.22
C ILE A 26 15.38 21.73 -35.41
N LEU A 27 15.97 22.27 -36.48
CA LEU A 27 16.34 21.46 -37.63
C LEU A 27 17.37 20.45 -37.15
N ILE A 28 17.09 19.16 -37.36
CA ILE A 28 18.01 18.10 -36.99
C ILE A 28 19.44 18.35 -37.51
N LYS A 29 19.57 18.72 -38.77
CA LYS A 29 20.88 19.00 -39.34
C LYS A 29 21.63 20.11 -38.58
N ASN A 30 20.91 20.90 -37.79
CA ASN A 30 21.52 21.95 -36.98
C ASN A 30 21.63 21.63 -35.50
N PHE A 31 21.25 20.41 -35.12
CA PHE A 31 21.11 20.11 -33.69
C PHE A 31 22.38 20.28 -32.88
N ALA A 32 23.50 19.81 -33.44
CA ALA A 32 24.80 19.93 -32.80
C ALA A 32 25.19 21.36 -32.46
N GLU A 33 24.98 22.28 -33.40
CA GLU A 33 25.21 23.70 -33.15
C GLU A 33 24.23 24.27 -32.13
N HIS A 34 22.97 23.85 -32.21
CA HIS A 34 21.98 24.32 -31.26
C HIS A 34 22.40 23.91 -29.88
N TYR A 35 22.85 22.67 -29.76
CA TYR A 35 23.34 22.16 -28.49
C TYR A 35 24.50 23.00 -27.96
N ARG A 36 25.47 23.28 -28.83
CA ARG A 36 26.65 24.05 -28.47
C ARG A 36 26.29 25.45 -27.98
N LEU A 37 25.41 26.13 -28.72
CA LEU A 37 24.93 27.46 -28.35
C LEU A 37 24.17 27.46 -27.04
N MET A 38 23.32 26.44 -26.85
CA MET A 38 22.48 26.32 -25.67
C MET A 38 23.27 25.97 -24.39
N SER A 39 24.39 25.28 -24.55
CA SER A 39 25.14 24.79 -23.41
C SER A 39 26.33 25.68 -23.12
N ALA A 40 26.58 26.63 -24.02
CA ALA A 40 27.65 27.60 -23.83
C ALA A 40 27.44 28.36 -22.53
N ASP A 41 28.52 28.88 -21.97
CA ASP A 41 28.46 29.69 -20.76
C ASP A 41 27.68 29.03 -19.63
N SER A 42 28.12 27.84 -19.22
CA SER A 42 27.48 27.10 -18.12
C SER A 42 25.98 26.95 -18.33
N ASP A 43 25.59 26.57 -19.56
CA ASP A 43 24.21 26.32 -19.92
C ASP A 43 23.26 27.52 -19.87
N PHE A 44 23.82 28.72 -19.92
CA PHE A 44 23.02 29.94 -19.88
C PHE A 44 21.69 29.81 -20.63
N ARG A 45 21.77 29.61 -21.95
CA ARG A 45 20.58 29.50 -22.79
C ARG A 45 19.66 28.34 -22.42
N PHE A 46 20.22 27.15 -22.17
CA PHE A 46 19.45 26.00 -21.69
C PHE A 46 18.70 26.33 -20.42
N SER A 47 19.38 27.04 -19.51
CA SER A 47 18.79 27.39 -18.23
C SER A 47 17.65 28.39 -18.42
N GLU A 48 17.86 29.34 -19.31
CA GLU A 48 16.87 30.35 -19.65
C GLU A 48 15.64 29.66 -20.22
N GLU A 49 15.89 28.80 -21.19
CA GLU A 49 14.82 28.15 -21.92
C GLU A 49 13.97 27.32 -20.96
N PHE A 50 14.63 26.53 -20.10
CA PHE A 50 13.90 25.67 -19.18
C PHE A 50 13.12 26.44 -18.16
N GLU A 51 13.63 27.61 -17.77
CA GLU A 51 12.96 28.45 -16.79
C GLU A 51 11.61 28.95 -17.31
N GLU A 52 11.53 29.20 -18.62
CA GLU A 52 10.27 29.59 -19.26
C GLU A 52 9.11 28.62 -19.02
N LEU A 53 9.41 27.35 -18.72
CA LEU A 53 8.35 26.37 -18.55
C LEU A 53 7.82 26.26 -17.12
N LYS A 54 8.34 27.06 -16.20
CA LYS A 54 8.08 26.80 -14.78
C LYS A 54 6.63 26.97 -14.28
N HIS A 55 5.86 27.86 -14.87
CA HIS A 55 4.46 27.99 -14.44
C HIS A 55 3.50 27.17 -15.28
N VAL A 56 3.96 26.63 -16.40
CA VAL A 56 3.07 25.97 -17.34
C VAL A 56 2.21 24.92 -16.63
N GLY A 57 0.90 25.03 -16.77
CA GLY A 57 -0.02 24.03 -16.21
C GLY A 57 -0.43 24.22 -14.76
N ARG A 58 0.39 24.94 -14.02
CA ARG A 58 0.31 24.98 -12.56
C ARG A 58 -0.92 25.68 -11.99
N ASP A 59 -1.70 26.31 -12.86
CA ASP A 59 -2.91 27.02 -12.46
C ASP A 59 -4.15 26.13 -12.53
N GLN A 60 -3.96 24.84 -12.80
CA GLN A 60 -5.10 23.96 -12.98
C GLN A 60 -5.49 23.29 -11.66
N PRO A 61 -6.80 23.14 -11.42
CA PRO A 61 -7.29 22.52 -10.18
C PRO A 61 -6.85 21.07 -9.99
N CYS A 62 -6.68 20.67 -8.73
CA CYS A 62 -6.32 19.30 -8.35
C CYS A 62 -7.28 18.85 -7.27
N THR A 63 -8.56 19.09 -7.54
CA THR A 63 -9.63 18.93 -6.57
C THR A 63 -9.68 17.54 -5.92
N PHE A 64 -9.72 16.49 -6.72
CA PHE A 64 -9.92 15.15 -6.19
C PHE A 64 -8.71 14.67 -5.42
N ALA A 65 -7.53 15.08 -5.89
CA ALA A 65 -6.27 14.78 -5.22
C ALA A 65 -6.27 15.38 -3.82
N ASP A 66 -6.95 16.51 -3.65
CA ASP A 66 -7.05 17.21 -2.37
C ASP A 66 -8.09 16.68 -1.40
N LEU A 67 -8.90 15.69 -1.82
CA LEU A 67 -9.94 15.20 -0.92
C LEU A 67 -9.34 14.47 0.27
N PRO A 68 -9.90 14.66 1.47
CA PRO A 68 -9.44 13.93 2.64
C PRO A 68 -9.32 12.40 2.44
N CYS A 69 -10.24 11.79 1.71
CA CYS A 69 -10.19 10.35 1.48
C CYS A 69 -9.04 9.93 0.55
N ASN A 70 -8.60 10.85 -0.31
CA ASN A 70 -7.48 10.57 -1.22
C ASN A 70 -6.11 10.97 -0.68
N ARG A 71 -6.08 11.81 0.36
CA ARG A 71 -4.84 12.27 0.95
C ARG A 71 -3.79 11.14 1.17
N PRO A 72 -4.20 9.99 1.74
CA PRO A 72 -3.22 8.92 1.96
C PRO A 72 -2.72 8.20 0.71
N LYS A 73 -3.30 8.55 -0.43
CA LYS A 73 -2.98 7.88 -1.70
C LYS A 73 -1.90 8.59 -2.52
N ASN A 74 -1.37 9.69 -2.00
CA ASN A 74 -0.28 10.45 -2.67
C ASN A 74 1.04 10.36 -1.93
N ARG A 75 2.10 9.98 -2.63
CA ARG A 75 3.42 9.95 -2.01
C ARG A 75 3.86 11.29 -1.46
N PHE A 76 3.64 12.34 -2.25
CA PHE A 76 4.17 13.67 -2.00
C PHE A 76 3.02 14.65 -2.05
N THR A 77 2.89 15.53 -1.04
CA THR A 77 1.77 16.48 -1.05
C THR A 77 1.85 17.48 -2.19
N ASN A 78 3.05 17.74 -2.68
CA ASN A 78 3.22 18.70 -3.77
C ASN A 78 3.08 18.11 -5.17
N ILE A 79 3.00 16.78 -5.28
CA ILE A 79 2.85 16.13 -6.59
C ILE A 79 1.47 15.53 -6.76
N LEU A 80 0.56 16.28 -7.37
CA LEU A 80 -0.84 15.84 -7.50
C LEU A 80 -1.38 15.90 -8.93
N PRO A 81 -2.21 14.90 -9.33
CA PRO A 81 -2.77 14.92 -10.69
C PRO A 81 -3.77 16.06 -10.88
N TYR A 82 -3.60 16.81 -11.97
CA TYR A 82 -4.63 17.77 -12.39
C TYR A 82 -5.96 17.05 -12.63
N ASP A 83 -7.07 17.72 -12.37
CA ASP A 83 -8.38 17.13 -12.59
C ASP A 83 -8.66 16.78 -14.06
N HIS A 84 -8.32 17.67 -14.98
CA HIS A 84 -8.78 17.57 -16.36
C HIS A 84 -8.15 16.39 -17.09
N SER A 85 -7.18 15.78 -16.43
CA SER A 85 -6.18 14.97 -17.07
C SER A 85 -5.99 13.63 -16.36
N ARG A 86 -6.45 13.54 -15.12
CA ARG A 86 -6.16 12.38 -14.25
C ARG A 86 -6.77 11.07 -14.77
N PHE A 87 -6.18 9.95 -14.42
CA PHE A 87 -6.81 8.67 -14.74
C PHE A 87 -7.88 8.37 -13.70
N LYS A 88 -9.06 7.96 -14.15
CA LYS A 88 -10.16 7.64 -13.23
C LYS A 88 -10.42 6.15 -13.18
N LEU A 89 -10.25 5.56 -12.00
CA LEU A 89 -10.63 4.17 -11.77
C LEU A 89 -12.15 4.05 -11.70
N GLN A 90 -12.68 2.87 -11.99
CA GLN A 90 -14.13 2.66 -11.91
C GLN A 90 -14.58 2.83 -10.46
N PRO A 91 -15.66 3.59 -10.23
CA PRO A 91 -16.13 3.72 -8.85
C PRO A 91 -16.57 2.38 -8.28
N VAL A 92 -16.29 2.15 -7.00
CA VAL A 92 -16.82 0.98 -6.30
C VAL A 92 -17.84 1.42 -5.24
N ASP A 93 -18.97 0.71 -5.22
CA ASP A 93 -20.16 1.09 -4.46
C ASP A 93 -19.84 1.60 -3.06
N ASP A 94 -20.37 2.78 -2.74
CA ASP A 94 -20.12 3.43 -1.45
C ASP A 94 -18.63 3.53 -1.07
N ASP A 95 -17.80 4.24 -1.84
CA ASP A 95 -16.46 4.65 -1.39
C ASP A 95 -16.21 6.03 -1.86
N GLU A 96 -15.92 6.92 -0.95
CA GLU A 96 -15.47 8.18 -1.43
C GLU A 96 -14.14 7.88 -2.10
N GLY A 97 -13.95 8.39 -3.29
CA GLY A 97 -12.66 8.35 -3.94
C GLY A 97 -12.16 7.03 -4.44
N SER A 98 -13.00 6.05 -4.51
CA SER A 98 -12.54 4.78 -5.09
C SER A 98 -12.11 4.95 -6.54
N ASP A 99 -12.40 6.12 -7.11
CA ASP A 99 -12.03 6.38 -8.51
C ASP A 99 -10.66 6.99 -8.66
N TYR A 100 -10.04 7.33 -7.54
CA TYR A 100 -8.80 8.10 -7.55
C TYR A 100 -7.52 7.26 -7.54
N ILE A 101 -6.55 7.70 -8.34
CA ILE A 101 -5.16 7.24 -8.27
C ILE A 101 -4.28 8.41 -8.69
N ASN A 102 -3.08 8.52 -8.13
CA ASN A 102 -2.18 9.59 -8.55
C ASN A 102 -1.58 9.30 -9.93
N ALA A 103 -2.34 9.60 -10.97
CA ALA A 103 -1.97 9.32 -12.33
C ALA A 103 -2.70 10.18 -13.32
N ASN A 104 -2.09 10.38 -14.48
CA ASN A 104 -2.51 11.32 -15.50
C ASN A 104 -2.20 10.80 -16.89
N TYR A 105 -3.08 11.02 -17.86
CA TYR A 105 -2.83 10.74 -19.25
C TYR A 105 -1.82 11.76 -19.77
N VAL A 106 -0.74 11.26 -20.38
CA VAL A 106 0.27 12.16 -20.94
C VAL A 106 0.50 11.83 -22.42
N PRO A 107 0.51 12.86 -23.28
CA PRO A 107 0.64 12.67 -24.73
C PRO A 107 1.97 12.05 -25.12
N GLY A 108 1.98 11.35 -26.24
CA GLY A 108 3.20 10.81 -26.81
C GLY A 108 3.29 11.13 -28.29
N HIS A 109 4.15 10.39 -28.97
CA HIS A 109 4.34 10.58 -30.39
C HIS A 109 3.09 10.18 -31.14
N ASN A 110 2.41 9.17 -30.63
CA ASN A 110 1.39 8.47 -31.40
C ASN A 110 -0.03 8.75 -30.97
N SER A 111 -0.19 9.31 -29.78
CA SER A 111 -1.51 9.54 -29.22
C SER A 111 -1.47 10.58 -28.10
N PRO A 112 -2.48 11.46 -28.05
CA PRO A 112 -2.57 12.38 -26.93
C PRO A 112 -2.72 11.66 -25.58
N ARG A 113 -3.22 10.42 -25.60
CA ARG A 113 -3.32 9.63 -24.37
C ARG A 113 -2.48 8.36 -24.40
N GLU A 114 -1.30 8.46 -24.99
CA GLU A 114 -0.42 7.31 -25.21
C GLU A 114 0.14 6.75 -23.89
N PHE A 115 0.43 7.63 -22.95
CA PHE A 115 1.00 7.24 -21.69
C PHE A 115 0.05 7.52 -20.55
N ILE A 116 0.12 6.71 -19.50
CA ILE A 116 -0.45 7.07 -18.22
C ILE A 116 0.76 7.15 -17.29
N VAL A 117 1.03 8.34 -16.78
CA VAL A 117 2.16 8.44 -15.87
C VAL A 117 1.71 8.64 -14.45
N THR A 118 2.38 7.96 -13.53
CA THR A 118 1.86 7.77 -12.19
C THR A 118 2.99 7.72 -11.19
N GLN A 119 2.70 7.81 -9.90
CA GLN A 119 3.74 7.67 -8.87
C GLN A 119 4.13 6.20 -8.71
N GLY A 120 5.30 5.96 -8.13
CA GLY A 120 5.63 4.61 -7.66
C GLY A 120 4.61 4.21 -6.60
N PRO A 121 3.82 3.16 -6.86
CA PRO A 121 2.78 2.79 -5.90
C PRO A 121 3.28 2.62 -4.48
N LEU A 122 2.44 2.97 -3.52
CA LEU A 122 2.66 2.64 -2.12
C LEU A 122 2.01 1.28 -1.89
N HIS A 123 2.44 0.56 -0.86
CA HIS A 123 1.75 -0.68 -0.50
C HIS A 123 0.22 -0.41 -0.46
N SER A 124 -0.15 0.72 0.13
CA SER A 124 -1.54 1.19 0.17
C SER A 124 -2.22 1.31 -1.20
N THR A 125 -1.44 1.52 -2.26
CA THR A 125 -2.03 1.87 -3.55
C THR A 125 -1.79 0.90 -4.69
N ARG A 126 -1.04 -0.17 -4.44
CA ARG A 126 -0.65 -1.08 -5.54
C ARG A 126 -1.82 -1.85 -6.12
N ASP A 127 -2.80 -2.20 -5.28
CA ASP A 127 -4.04 -2.78 -5.80
C ASP A 127 -4.68 -1.82 -6.79
N ASP A 128 -4.67 -0.53 -6.47
CA ASP A 128 -5.19 0.51 -7.35
C ASP A 128 -4.35 0.57 -8.61
N PHE A 129 -3.03 0.47 -8.44
CA PHE A 129 -2.12 0.52 -9.56
C PHE A 129 -2.46 -0.58 -10.57
N TRP A 130 -2.71 -1.79 -10.07
CA TRP A 130 -2.96 -2.94 -10.94
C TRP A 130 -4.35 -2.88 -11.57
N ARG A 131 -5.29 -2.32 -10.81
CA ARG A 131 -6.63 -2.11 -11.32
C ARG A 131 -6.57 -1.13 -12.48
N MET A 132 -5.74 -0.11 -12.33
CA MET A 132 -5.55 0.87 -13.40
C MET A 132 -4.96 0.23 -14.66
N CYS A 133 -3.89 -0.54 -14.50
CA CYS A 133 -3.30 -1.28 -15.60
C CYS A 133 -4.37 -2.09 -16.31
N TRP A 134 -5.22 -2.76 -15.51
CA TRP A 134 -6.28 -3.60 -16.07
C TRP A 134 -7.36 -2.80 -16.76
N GLU A 135 -7.87 -1.78 -16.07
CA GLU A 135 -8.94 -0.98 -16.63
C GLU A 135 -8.47 -0.17 -17.84
N SER A 136 -7.20 0.22 -17.85
CA SER A 136 -6.65 0.99 -18.96
C SER A 136 -6.41 0.10 -20.16
N ASN A 137 -6.26 -1.21 -19.90
CA ASN A 137 -5.96 -2.19 -20.94
C ASN A 137 -4.52 -1.98 -21.38
N SER A 138 -3.71 -1.43 -20.50
CA SER A 138 -2.29 -1.29 -20.75
C SER A 138 -1.62 -2.65 -20.84
N ARG A 139 -0.65 -2.75 -21.74
CA ARG A 139 0.13 -3.98 -21.88
C ARG A 139 1.61 -3.77 -21.58
N ALA A 140 1.97 -2.61 -21.04
CA ALA A 140 3.37 -2.29 -20.82
C ALA A 140 3.60 -1.30 -19.68
N ILE A 141 4.48 -1.66 -18.76
CA ILE A 141 4.87 -0.77 -17.68
C ILE A 141 6.36 -0.42 -17.79
N VAL A 142 6.66 0.85 -17.58
CA VAL A 142 8.04 1.33 -17.61
C VAL A 142 8.35 1.85 -16.21
N MET A 143 9.37 1.26 -15.59
CA MET A 143 9.76 1.63 -14.24
C MET A 143 11.17 2.23 -14.24
N LEU A 144 11.27 3.50 -13.87
CA LEU A 144 12.54 4.22 -13.94
C LEU A 144 13.19 4.48 -12.56
N THR A 145 12.83 3.65 -11.58
CA THR A 145 13.45 3.75 -10.27
C THR A 145 13.73 2.36 -9.70
N ARG A 146 14.67 2.29 -8.77
CA ARG A 146 14.75 1.17 -7.86
C ARG A 146 13.76 1.39 -6.71
N CYS A 147 13.33 0.30 -6.07
CA CYS A 147 12.47 0.38 -4.89
C CYS A 147 13.13 1.15 -3.75
N PHE A 148 14.43 0.94 -3.60
CA PHE A 148 15.18 1.65 -2.59
C PHE A 148 16.38 2.32 -3.20
N GLU A 149 16.59 3.58 -2.85
CA GLU A 149 17.76 4.32 -3.28
C GLU A 149 18.26 5.14 -2.09
N LYS A 150 19.54 4.99 -1.79
CA LYS A 150 20.19 5.62 -0.64
C LYS A 150 19.41 5.36 0.64
N GLY A 151 18.88 4.16 0.78
CA GLY A 151 18.11 3.78 1.96
C GLY A 151 16.73 4.41 2.08
N ARG A 152 16.29 5.10 1.04
CA ARG A 152 14.95 5.61 1.05
C ARG A 152 14.09 4.78 0.13
N GLU A 153 12.85 4.54 0.57
CA GLU A 153 11.90 3.78 -0.21
C GLU A 153 11.26 4.73 -1.20
N LYS A 154 11.43 4.43 -2.48
CA LYS A 154 10.89 5.24 -3.56
C LYS A 154 9.67 4.58 -4.21
N CYS A 155 9.54 3.28 -4.00
CA CYS A 155 8.49 2.50 -4.64
C CYS A 155 8.31 1.17 -3.92
N ASP A 156 7.07 0.82 -3.61
CA ASP A 156 6.74 -0.52 -3.14
C ASP A 156 7.13 -1.54 -4.19
N GLN A 157 7.50 -2.74 -3.73
CA GLN A 157 7.67 -3.90 -4.60
C GLN A 157 6.29 -4.43 -4.99
N TYR A 158 5.70 -3.86 -6.04
CA TYR A 158 4.32 -4.20 -6.39
C TYR A 158 4.13 -5.47 -7.25
N TRP A 159 5.21 -6.12 -7.65
CA TRP A 159 5.15 -7.30 -8.52
C TRP A 159 5.91 -8.46 -7.86
N PRO A 160 5.56 -9.72 -8.16
CA PRO A 160 6.22 -10.85 -7.48
C PRO A 160 7.72 -10.90 -7.68
N ASN A 161 8.47 -11.43 -6.70
CA ASN A 161 9.90 -11.70 -6.89
C ASN A 161 10.21 -13.14 -7.24
N ASP A 162 9.18 -13.88 -7.64
CA ASP A 162 9.39 -15.20 -8.22
C ASP A 162 8.17 -15.62 -9.03
N THR A 163 8.00 -16.92 -9.22
CA THR A 163 7.08 -17.46 -10.22
C THR A 163 5.69 -17.82 -9.68
N VAL A 164 5.54 -17.79 -8.36
CA VAL A 164 4.29 -18.04 -7.68
C VAL A 164 3.37 -16.84 -7.89
N PRO A 165 2.20 -17.07 -8.50
CA PRO A 165 1.29 -15.96 -8.75
C PRO A 165 0.85 -15.29 -7.47
N VAL A 166 0.71 -13.97 -7.51
CA VAL A 166 0.27 -13.15 -6.37
C VAL A 166 -0.98 -12.37 -6.74
N PHE A 167 -1.96 -12.30 -5.85
CA PHE A 167 -3.20 -11.54 -6.10
C PHE A 167 -3.16 -10.12 -5.57
N TYR A 168 -3.34 -9.14 -6.44
CA TYR A 168 -3.47 -7.73 -6.06
C TYR A 168 -4.89 -7.25 -6.36
N GLY A 169 -5.70 -7.10 -5.33
CA GLY A 169 -7.13 -6.91 -5.50
C GLY A 169 -7.71 -8.12 -6.22
N ASP A 170 -8.45 -7.88 -7.30
CA ASP A 170 -8.98 -8.92 -8.18
C ASP A 170 -8.00 -9.38 -9.24
N ILE A 171 -6.92 -8.61 -9.45
CA ILE A 171 -5.94 -8.93 -10.49
C ILE A 171 -4.88 -9.90 -9.97
N LYS A 172 -4.83 -11.07 -10.56
CA LYS A 172 -3.77 -12.04 -10.30
C LYS A 172 -2.60 -11.75 -11.23
N VAL A 173 -1.39 -11.71 -10.68
CA VAL A 173 -0.18 -11.44 -11.47
C VAL A 173 0.77 -12.63 -11.36
N GLN A 174 1.35 -13.05 -12.50
CA GLN A 174 2.30 -14.16 -12.50
C GLN A 174 3.43 -14.01 -13.52
N ILE A 175 4.66 -14.10 -13.04
CA ILE A 175 5.82 -14.01 -13.91
C ILE A 175 5.90 -15.22 -14.82
N LEU A 176 5.92 -14.98 -16.14
CA LEU A 176 6.09 -16.03 -17.13
C LEU A 176 7.55 -16.24 -17.47
N ASN A 177 8.28 -15.14 -17.63
CA ASN A 177 9.73 -15.13 -17.63
C ASN A 177 10.29 -13.75 -17.45
N ASP A 178 11.57 -13.68 -17.10
CA ASP A 178 12.27 -12.42 -17.08
C ASP A 178 13.66 -12.47 -17.70
N SER A 179 14.10 -11.34 -18.21
CA SER A 179 15.41 -11.23 -18.81
C SER A 179 16.13 -10.08 -18.17
N HIS A 180 17.31 -10.37 -17.64
CA HIS A 180 18.16 -9.38 -17.02
C HIS A 180 19.15 -8.84 -18.05
N TYR A 181 19.47 -7.56 -17.94
CA TYR A 181 20.42 -6.92 -18.83
C TYR A 181 21.28 -6.00 -17.97
N ALA A 182 22.27 -5.35 -18.57
CA ALA A 182 23.17 -4.49 -17.81
C ALA A 182 22.45 -3.33 -17.06
N ASP A 183 21.44 -2.73 -17.69
CA ASP A 183 20.79 -1.55 -17.10
C ASP A 183 19.30 -1.70 -16.88
N TRP A 184 18.70 -2.78 -17.38
CA TRP A 184 17.30 -3.03 -17.15
C TRP A 184 16.97 -4.51 -16.98
N VAL A 185 15.79 -4.76 -16.41
CA VAL A 185 15.22 -6.11 -16.28
C VAL A 185 13.87 -6.08 -16.97
N MET A 186 13.67 -7.01 -17.89
CA MET A 186 12.42 -7.16 -18.62
C MET A 186 11.64 -8.34 -18.05
N THR A 187 10.36 -8.13 -17.76
CA THR A 187 9.55 -9.17 -17.14
C THR A 187 8.21 -9.28 -17.83
N GLU A 188 7.84 -10.52 -18.15
CA GLU A 188 6.58 -10.82 -18.81
C GLU A 188 5.61 -11.38 -17.78
N PHE A 189 4.56 -10.62 -17.49
CA PHE A 189 3.51 -11.07 -16.58
C PHE A 189 2.31 -11.65 -17.31
N MET A 190 1.70 -12.65 -16.72
CA MET A 190 0.35 -13.03 -17.11
C MET A 190 -0.58 -12.32 -16.17
N LEU A 191 -1.55 -11.59 -16.72
CA LEU A 191 -2.55 -10.90 -15.93
C LEU A 191 -3.89 -11.59 -16.04
N CYS A 192 -4.41 -12.06 -14.90
CA CYS A 192 -5.69 -12.78 -14.88
C CYS A 192 -6.70 -12.06 -14.05
N ARG A 193 -7.93 -12.05 -14.53
CA ARG A 193 -9.00 -11.40 -13.83
C ARG A 193 -10.33 -12.05 -14.15
N GLY A 194 -10.76 -12.93 -13.25
CA GLY A 194 -12.00 -13.67 -13.37
C GLY A 194 -12.14 -14.45 -14.67
N SER A 195 -11.05 -15.08 -15.12
CA SER A 195 -11.11 -15.87 -16.36
C SER A 195 -10.72 -15.10 -17.61
N GLU A 196 -10.51 -13.79 -17.47
CA GLU A 196 -9.99 -13.00 -18.57
C GLU A 196 -8.47 -12.96 -18.39
N GLN A 197 -7.72 -13.16 -19.47
CA GLN A 197 -6.26 -13.26 -19.38
C GLN A 197 -5.52 -12.37 -20.36
N ARG A 198 -4.49 -11.67 -19.88
CA ARG A 198 -3.73 -10.77 -20.70
C ARG A 198 -2.29 -11.02 -20.49
N ILE A 199 -1.42 -10.49 -21.33
CA ILE A 199 -0.01 -10.51 -21.09
C ILE A 199 0.52 -9.11 -21.01
N LEU A 200 1.28 -8.77 -20.00
CA LEU A 200 1.84 -7.44 -19.90
C LEU A 200 3.30 -7.51 -19.73
N ARG A 201 4.01 -6.58 -20.31
CA ARG A 201 5.45 -6.53 -20.15
C ARG A 201 5.87 -5.38 -19.26
N HIS A 202 6.92 -5.63 -18.48
CA HIS A 202 7.41 -4.71 -17.45
C HIS A 202 8.88 -4.40 -17.79
N PHE A 203 9.16 -3.14 -18.06
CA PHE A 203 10.49 -2.68 -18.51
C PHE A 203 11.07 -1.86 -17.39
N HIS A 204 12.05 -2.40 -16.68
CA HIS A 204 12.57 -1.81 -15.45
C HIS A 204 14.02 -1.35 -15.58
N PHE A 205 14.19 -0.06 -15.82
CA PHE A 205 15.52 0.57 -15.80
C PHE A 205 16.04 0.60 -14.35
N THR A 206 17.15 -0.08 -14.09
CA THR A 206 17.61 -0.31 -12.71
C THR A 206 18.91 0.38 -12.39
N THR A 207 19.31 1.30 -13.26
CA THR A 207 20.66 1.82 -13.27
C THR A 207 20.76 3.34 -13.08
N TRP A 208 19.61 4.03 -13.05
CA TRP A 208 19.62 5.45 -12.72
C TRP A 208 20.46 5.71 -11.47
N PRO A 209 21.36 6.69 -11.53
CA PRO A 209 22.26 6.96 -10.41
C PRO A 209 21.54 7.57 -9.21
N ASP A 210 22.16 7.50 -8.03
CA ASP A 210 21.59 8.03 -6.79
C ASP A 210 21.44 9.53 -6.80
N PHE A 211 22.21 10.18 -7.65
CA PHE A 211 22.01 11.61 -7.91
C PHE A 211 22.44 11.93 -9.35
N GLY A 212 22.02 13.09 -9.82
CA GLY A 212 22.26 13.46 -11.22
C GLY A 212 21.46 12.62 -12.18
N VAL A 213 21.94 12.58 -13.43
CA VAL A 213 21.27 11.79 -14.49
C VAL A 213 22.19 10.67 -15.00
N PRO A 214 21.68 9.73 -15.81
CA PRO A 214 22.56 8.65 -16.25
C PRO A 214 23.74 9.21 -17.00
N ASN A 215 24.91 8.61 -16.80
CA ASN A 215 26.15 9.17 -17.30
C ASN A 215 27.14 8.04 -17.47
N PRO A 216 27.41 7.64 -18.72
CA PRO A 216 27.03 8.29 -19.96
C PRO A 216 25.57 8.08 -20.28
N PRO A 217 24.92 9.11 -20.84
CA PRO A 217 23.50 9.06 -21.17
C PRO A 217 23.12 7.91 -22.12
N GLN A 218 24.09 7.40 -22.88
CA GLN A 218 23.82 6.33 -23.84
C GLN A 218 23.06 5.11 -23.28
N THR A 219 23.20 4.86 -21.98
CA THR A 219 22.53 3.74 -21.35
C THR A 219 21.02 3.92 -21.37
N LEU A 220 20.56 5.16 -21.21
CA LEU A 220 19.13 5.44 -21.29
C LEU A 220 18.58 5.30 -22.70
N VAL A 221 19.37 5.71 -23.70
CA VAL A 221 18.98 5.60 -25.11
C VAL A 221 18.80 4.13 -25.46
N ARG A 222 19.71 3.31 -24.96
CA ARG A 222 19.68 1.87 -25.17
C ARG A 222 18.37 1.29 -24.62
N PHE A 223 17.94 1.76 -23.46
CA PHE A 223 16.70 1.29 -22.83
C PHE A 223 15.47 1.73 -23.63
N VAL A 224 15.46 2.99 -24.06
CA VAL A 224 14.34 3.55 -24.82
C VAL A 224 14.22 2.82 -26.16
N ARG A 225 15.36 2.56 -26.77
CA ARG A 225 15.43 1.80 -28.00
C ARG A 225 14.93 0.37 -27.77
N ALA A 226 15.39 -0.27 -26.70
CA ALA A 226 14.99 -1.64 -26.40
C ALA A 226 13.49 -1.72 -26.16
N PHE A 227 12.98 -0.76 -25.39
CA PHE A 227 11.55 -0.64 -25.09
C PHE A 227 10.73 -0.50 -26.38
N ARG A 228 11.03 0.53 -27.16
CA ARG A 228 10.18 0.86 -28.30
C ARG A 228 10.22 -0.27 -29.32
N ASP A 229 11.40 -0.88 -29.47
CA ASP A 229 11.61 -1.99 -30.41
C ASP A 229 10.71 -3.16 -30.05
N ARG A 230 10.61 -3.42 -28.75
CA ARG A 230 9.83 -4.53 -28.23
C ARG A 230 8.32 -4.28 -28.29
N ILE A 231 7.91 -3.06 -27.95
CA ILE A 231 6.50 -2.75 -27.78
C ILE A 231 5.79 -2.43 -29.09
N GLY A 232 6.51 -1.83 -30.03
CA GLY A 232 5.94 -1.48 -31.32
C GLY A 232 5.03 -0.26 -31.26
N ALA A 233 4.16 -0.14 -32.23
CA ALA A 233 3.20 0.93 -32.26
C ALA A 233 2.03 0.61 -31.35
N GLU A 234 2.25 0.58 -30.04
CA GLU A 234 1.17 0.28 -29.11
C GLU A 234 -0.06 1.18 -29.25
N GLN A 235 -1.21 0.53 -29.36
CA GLN A 235 -2.46 1.22 -29.52
C GLN A 235 -3.10 1.54 -28.16
N ARG A 236 -2.61 0.89 -27.11
CA ARG A 236 -3.17 1.03 -25.76
C ARG A 236 -2.22 1.73 -24.81
N PRO A 237 -2.74 2.32 -23.73
CA PRO A 237 -1.90 3.20 -22.91
C PRO A 237 -0.74 2.45 -22.31
N ILE A 238 0.38 3.14 -22.17
CA ILE A 238 1.60 2.59 -21.63
C ILE A 238 1.77 3.24 -20.26
N VAL A 239 1.99 2.41 -19.22
CA VAL A 239 2.09 2.95 -17.86
C VAL A 239 3.55 3.27 -17.53
N VAL A 240 3.81 4.47 -17.04
CA VAL A 240 5.17 4.94 -16.79
C VAL A 240 5.28 5.48 -15.38
N HIS A 241 6.30 5.08 -14.65
CA HIS A 241 6.52 5.67 -13.36
C HIS A 241 7.97 5.66 -12.93
N CYS A 242 8.33 6.66 -12.13
CA CYS A 242 9.53 6.62 -11.33
C CYS A 242 9.05 6.53 -9.90
N SER A 243 9.44 7.50 -9.07
CA SER A 243 8.96 7.60 -7.70
C SER A 243 7.78 8.58 -7.63
N ALA A 244 8.01 9.82 -8.03
CA ALA A 244 6.94 10.83 -8.05
C ALA A 244 6.18 10.83 -9.38
N GLY A 245 6.76 10.19 -10.39
CA GLY A 245 6.17 10.12 -11.73
C GLY A 245 6.11 11.46 -12.44
N VAL A 246 7.24 12.19 -12.39
CA VAL A 246 7.37 13.52 -13.04
C VAL A 246 8.74 13.78 -13.71
N GLY A 247 9.84 13.59 -12.99
CA GLY A 247 11.17 13.92 -13.51
C GLY A 247 11.74 12.88 -14.44
N ARG A 248 11.90 11.66 -13.94
CA ARG A 248 12.45 10.56 -14.74
C ARG A 248 11.46 10.08 -15.78
N SER A 249 10.20 10.01 -15.37
CA SER A 249 9.12 9.62 -16.27
C SER A 249 9.01 10.60 -17.41
N GLY A 250 9.12 11.89 -17.09
CA GLY A 250 9.09 12.94 -18.11
C GLY A 250 10.27 12.84 -19.06
N THR A 251 11.43 12.45 -18.53
CA THR A 251 12.65 12.32 -19.33
C THR A 251 12.54 11.18 -20.34
N PHE A 252 12.06 10.02 -19.89
CA PHE A 252 11.89 8.82 -20.72
C PHE A 252 10.90 9.07 -21.86
N ILE A 253 9.74 9.61 -21.53
CA ILE A 253 8.76 9.95 -22.56
C ILE A 253 9.33 10.89 -23.65
N THR A 254 9.96 12.00 -23.23
CA THR A 254 10.44 12.96 -24.21
C THR A 254 11.41 12.23 -25.12
N LEU A 255 12.25 11.39 -24.52
CA LEU A 255 13.27 10.66 -25.25
C LEU A 255 12.67 9.68 -26.24
N ASP A 256 11.71 8.89 -25.79
CA ASP A 256 10.95 7.99 -26.65
C ASP A 256 10.25 8.69 -27.84
N ARG A 257 9.66 9.87 -27.62
CA ARG A 257 9.03 10.64 -28.73
C ARG A 257 10.02 11.07 -29.81
N ILE A 258 11.06 11.79 -29.39
CA ILE A 258 12.00 12.39 -30.34
C ILE A 258 12.78 11.34 -31.14
N LEU A 259 13.01 10.18 -30.54
CA LEU A 259 13.68 9.09 -31.25
C LEU A 259 12.83 8.52 -32.37
N GLN A 260 11.51 8.55 -32.18
CA GLN A 260 10.58 8.20 -33.24
C GLN A 260 10.55 9.35 -34.24
N GLN A 261 10.40 10.57 -33.74
CA GLN A 261 10.25 11.76 -34.56
C GLN A 261 11.32 11.88 -35.65
N ILE A 262 12.58 11.69 -35.28
CA ILE A 262 13.69 11.88 -36.21
C ILE A 262 13.68 10.91 -37.39
N ASN A 263 12.77 9.94 -37.36
CA ASN A 263 12.56 9.06 -38.50
C ASN A 263 11.71 9.65 -39.61
N THR A 264 10.84 10.60 -39.28
CA THR A 264 9.84 11.07 -40.23
C THR A 264 9.79 12.58 -40.38
N SER A 265 10.68 13.29 -39.68
CA SER A 265 10.68 14.74 -39.77
C SER A 265 12.07 15.36 -39.93
N ASP A 266 12.12 16.65 -40.29
CA ASP A 266 13.35 17.41 -40.34
C ASP A 266 13.58 18.17 -39.03
N TYR A 267 12.59 18.13 -38.14
CA TYR A 267 12.62 18.90 -36.90
C TYR A 267 12.41 18.04 -35.68
N VAL A 268 12.87 18.57 -34.55
CA VAL A 268 12.62 18.02 -33.23
C VAL A 268 12.23 19.20 -32.35
N ASP A 269 11.23 19.00 -31.49
CA ASP A 269 10.75 20.07 -30.61
C ASP A 269 10.72 19.60 -29.17
N ILE A 270 11.88 19.42 -28.56
CA ILE A 270 11.94 18.94 -27.19
C ILE A 270 11.14 19.84 -26.29
N PHE A 271 11.41 21.15 -26.37
CA PHE A 271 10.70 22.19 -25.60
C PHE A 271 9.19 22.07 -25.76
N GLY A 272 8.70 22.01 -27.00
CA GLY A 272 7.27 21.90 -27.27
C GLY A 272 6.66 20.64 -26.67
N ILE A 273 7.43 19.56 -26.69
CA ILE A 273 7.01 18.32 -26.10
C ILE A 273 6.86 18.48 -24.59
N VAL A 274 7.87 19.09 -23.95
CA VAL A 274 7.87 19.28 -22.50
C VAL A 274 6.75 20.23 -22.08
N TYR A 275 6.53 21.27 -22.88
CA TYR A 275 5.43 22.21 -22.64
C TYR A 275 4.12 21.43 -22.57
N ALA A 276 3.91 20.55 -23.53
CA ALA A 276 2.62 19.87 -23.65
C ALA A 276 2.41 18.92 -22.48
N MET A 277 3.48 18.23 -22.09
CA MET A 277 3.44 17.32 -20.96
C MET A 277 3.06 18.08 -19.69
N ARG A 278 3.69 19.24 -19.49
CA ARG A 278 3.38 20.09 -18.33
C ARG A 278 1.90 20.34 -18.15
N LYS A 279 1.17 20.56 -19.24
CA LYS A 279 -0.25 20.89 -19.12
C LYS A 279 -1.04 19.73 -18.56
N GLU A 280 -0.46 18.53 -18.67
CA GLU A 280 -1.15 17.29 -18.32
C GLU A 280 -0.76 16.69 -16.98
N ARG A 281 0.46 16.97 -16.54
CA ARG A 281 0.93 16.52 -15.24
C ARG A 281 2.01 17.47 -14.77
N VAL A 282 1.98 17.79 -13.48
CA VAL A 282 2.92 18.67 -12.85
C VAL A 282 4.37 18.19 -13.06
N TRP A 283 5.29 19.14 -13.14
CA TRP A 283 6.74 18.88 -13.19
C TRP A 283 7.23 17.78 -14.13
N MET A 284 6.63 17.64 -15.27
CA MET A 284 6.98 16.56 -16.12
C MET A 284 8.43 16.31 -16.37
N VAL A 285 9.18 17.13 -17.06
CA VAL A 285 10.60 16.92 -16.81
C VAL A 285 11.02 17.92 -15.74
N GLN A 286 11.50 17.44 -14.63
CA GLN A 286 11.51 18.21 -13.43
C GLN A 286 12.69 19.11 -13.16
N THR A 287 13.85 18.67 -13.53
CA THR A 287 15.05 19.49 -13.35
C THR A 287 15.62 19.94 -14.68
N GLU A 288 16.47 20.96 -14.63
CA GLU A 288 17.16 21.49 -15.81
C GLU A 288 18.21 20.49 -16.28
N GLN A 289 18.67 19.64 -15.37
CA GLN A 289 19.67 18.63 -15.68
C GLN A 289 19.10 17.51 -16.54
N GLN A 290 17.83 17.14 -16.32
CA GLN A 290 17.16 16.16 -17.17
C GLN A 290 16.80 16.75 -18.51
N TYR A 291 16.43 18.03 -18.50
CA TYR A 291 16.12 18.74 -19.74
C TYR A 291 17.36 18.80 -20.64
N ILE A 292 18.51 19.13 -20.06
CA ILE A 292 19.77 19.08 -20.81
C ILE A 292 20.14 17.64 -21.19
N CYS A 293 19.79 16.68 -20.33
CA CYS A 293 20.09 15.28 -20.61
C CYS A 293 19.40 14.75 -21.86
N ILE A 294 18.12 15.09 -22.04
CA ILE A 294 17.35 14.70 -23.22
C ILE A 294 18.12 15.14 -24.46
N HIS A 295 18.60 16.39 -24.44
CA HIS A 295 19.38 16.93 -25.54
C HIS A 295 20.65 16.13 -25.77
N GLN A 296 21.34 15.78 -24.70
CA GLN A 296 22.57 14.98 -24.80
C GLN A 296 22.35 13.58 -25.36
N CYS A 297 21.23 12.95 -25.01
CA CYS A 297 20.90 11.65 -25.54
C CYS A 297 20.69 11.74 -27.05
N LEU A 298 19.96 12.76 -27.47
CA LEU A 298 19.64 12.92 -28.88
C LEU A 298 20.89 13.25 -29.69
N LEU A 299 21.78 14.05 -29.11
CA LEU A 299 23.05 14.41 -29.74
C LEU A 299 23.88 13.14 -29.93
N ALA A 300 23.89 12.29 -28.92
CA ALA A 300 24.56 10.99 -29.03
C ALA A 300 24.03 10.19 -30.23
N VAL A 301 22.71 10.19 -30.42
CA VAL A 301 22.10 9.46 -31.54
C VAL A 301 22.48 10.08 -32.89
N LEU A 302 22.31 11.39 -33.02
CA LEU A 302 22.57 12.07 -34.28
C LEU A 302 24.05 12.04 -34.65
N GLU A 303 24.92 11.83 -33.67
CA GLU A 303 26.35 11.75 -33.93
C GLU A 303 26.87 10.33 -34.11
N GLY A 304 25.97 9.35 -34.07
CA GLY A 304 26.40 7.96 -34.13
C GLY A 304 27.11 7.57 -32.85
N LYS A 305 26.60 8.06 -31.73
CA LYS A 305 27.12 7.81 -30.37
C LYS A 305 28.60 8.15 -30.22
N MET B 21 -29.40 0.79 19.81
CA MET B 21 -28.85 2.13 20.17
C MET B 21 -27.33 2.17 19.98
N ALA B 22 -26.64 2.26 21.10
CA ALA B 22 -25.23 1.95 21.22
C ALA B 22 -25.16 0.65 22.02
N SER B 23 -26.33 0.11 22.38
CA SER B 23 -26.39 -1.01 23.30
C SER B 23 -27.58 -1.90 23.05
N ARG B 24 -27.34 -3.20 23.05
CA ARG B 24 -28.42 -4.18 22.92
C ARG B 24 -28.07 -5.42 23.71
N PRO B 25 -28.23 -5.35 25.04
CA PRO B 25 -27.90 -6.50 25.87
C PRO B 25 -28.92 -7.60 25.62
N ILE B 26 -28.46 -8.83 25.67
CA ILE B 26 -29.36 -9.97 25.58
C ILE B 26 -29.01 -11.00 26.66
N LEU B 27 -30.05 -11.40 27.40
CA LEU B 27 -29.94 -12.25 28.57
C LEU B 27 -29.41 -13.61 28.16
N ILE B 28 -28.43 -14.14 28.84
CA ILE B 28 -27.89 -15.40 28.40
C ILE B 28 -28.87 -16.55 28.45
N LYS B 29 -29.95 -16.40 29.18
CA LYS B 29 -30.97 -17.43 29.20
C LYS B 29 -31.91 -17.34 28.02
N ASN B 30 -31.89 -16.22 27.31
CA ASN B 30 -32.56 -16.07 26.03
C ASN B 30 -31.69 -16.08 24.79
N PHE B 31 -30.41 -16.39 24.90
CA PHE B 31 -29.52 -16.29 23.74
C PHE B 31 -29.84 -17.27 22.61
N ALA B 32 -30.24 -18.49 22.94
CA ALA B 32 -30.61 -19.48 21.94
C ALA B 32 -31.80 -19.01 21.13
N GLU B 33 -32.78 -18.44 21.82
CA GLU B 33 -33.96 -17.89 21.19
C GLU B 33 -33.60 -16.66 20.38
N HIS B 34 -32.78 -15.78 20.96
CA HIS B 34 -32.39 -14.55 20.31
C HIS B 34 -31.64 -14.80 18.99
N TYR B 35 -30.85 -15.84 18.92
CA TYR B 35 -30.05 -16.12 17.77
C TYR B 35 -30.90 -16.67 16.70
N ARG B 36 -31.92 -17.40 17.10
CA ARG B 36 -32.75 -18.10 16.15
C ARG B 36 -33.57 -17.17 15.30
N LEU B 37 -33.94 -16.02 15.83
CA LEU B 37 -34.73 -15.06 15.06
C LEU B 37 -33.87 -13.95 14.47
N MET B 38 -32.65 -13.82 14.97
CA MET B 38 -31.65 -12.98 14.34
C MET B 38 -31.18 -13.62 13.04
N SER B 39 -31.17 -14.96 13.03
CA SER B 39 -30.75 -15.70 11.85
C SER B 39 -31.92 -16.08 10.96
N ALA B 40 -33.12 -15.86 11.45
CA ALA B 40 -34.30 -16.05 10.65
C ALA B 40 -34.24 -15.21 9.39
N ASP B 41 -34.86 -15.73 8.33
CA ASP B 41 -34.97 -15.05 7.05
C ASP B 41 -33.66 -14.76 6.42
N SER B 42 -32.77 -15.74 6.39
CA SER B 42 -31.46 -15.53 5.85
C SER B 42 -30.78 -14.38 6.58
N ASP B 43 -30.80 -14.42 7.90
CA ASP B 43 -30.16 -13.43 8.76
C ASP B 43 -30.68 -12.00 8.51
N PHE B 44 -31.98 -11.84 8.31
CA PHE B 44 -32.51 -10.51 8.08
C PHE B 44 -32.17 -9.51 9.19
N ARG B 45 -32.60 -9.82 10.42
CA ARG B 45 -32.31 -8.96 11.57
C ARG B 45 -30.81 -8.80 11.83
N PHE B 46 -30.05 -9.89 11.74
CA PHE B 46 -28.58 -9.83 11.85
C PHE B 46 -28.01 -8.82 10.86
N SER B 47 -28.62 -8.77 9.67
CA SER B 47 -28.14 -7.92 8.60
C SER B 47 -28.49 -6.47 8.85
N GLU B 48 -29.67 -6.23 9.43
CA GLU B 48 -30.05 -4.89 9.81
C GLU B 48 -29.17 -4.38 10.95
N GLU B 49 -28.92 -5.25 11.93
CA GLU B 49 -28.16 -4.88 13.10
C GLU B 49 -26.71 -4.53 12.78
N PHE B 50 -26.12 -5.26 11.85
CA PHE B 50 -24.74 -4.95 11.47
C PHE B 50 -24.61 -3.63 10.71
N GLU B 51 -25.64 -3.25 9.95
CA GLU B 51 -25.68 -1.97 9.24
C GLU B 51 -25.71 -0.78 10.17
N GLU B 52 -26.55 -0.88 11.21
CA GLU B 52 -26.70 0.16 12.23
C GLU B 52 -25.39 0.59 12.90
N LEU B 53 -24.33 -0.14 12.62
CA LEU B 53 -23.04 0.06 13.19
C LEU B 53 -22.08 0.69 12.23
N LYS B 54 -22.44 0.76 10.96
CA LYS B 54 -21.57 1.23 9.91
C LYS B 54 -20.91 2.57 10.08
N HIS B 55 -21.64 3.57 10.47
CA HIS B 55 -21.08 4.91 10.59
C HIS B 55 -20.40 5.22 11.91
N VAL B 56 -20.60 4.37 12.91
CA VAL B 56 -20.04 4.58 14.26
C VAL B 56 -18.52 4.83 14.27
N GLY B 57 -18.13 6.01 14.76
CA GLY B 57 -16.74 6.34 14.99
C GLY B 57 -16.01 6.97 13.83
N ARG B 58 -16.69 7.15 12.71
CA ARG B 58 -15.97 7.37 11.45
C ARG B 58 -15.61 8.80 11.12
N ASP B 59 -16.14 9.74 11.90
CA ASP B 59 -15.83 11.14 11.67
C ASP B 59 -14.59 11.59 12.45
N GLN B 60 -14.01 10.67 13.21
CA GLN B 60 -12.90 10.98 14.10
C GLN B 60 -11.61 11.16 13.29
N PRO B 61 -10.76 12.13 13.68
CA PRO B 61 -9.55 12.49 12.95
C PRO B 61 -8.42 11.44 13.00
N CYS B 62 -7.75 11.26 11.86
CA CYS B 62 -6.60 10.40 11.70
C CYS B 62 -5.49 11.24 11.08
N THR B 63 -5.24 12.37 11.72
CA THR B 63 -4.26 13.31 11.26
C THR B 63 -2.90 12.64 11.06
N PHE B 64 -2.39 11.99 12.09
CA PHE B 64 -1.02 11.51 12.06
C PHE B 64 -0.78 10.46 10.99
N ALA B 65 -1.76 9.58 10.76
CA ALA B 65 -1.63 8.53 9.78
C ALA B 65 -1.64 9.12 8.37
N ASP B 66 -2.15 10.33 8.21
CA ASP B 66 -2.16 10.99 6.91
C ASP B 66 -0.87 11.73 6.57
N LEU B 67 0.01 11.87 7.54
CA LEU B 67 1.26 12.59 7.29
C LEU B 67 2.06 11.91 6.17
N PRO B 68 2.51 12.70 5.20
CA PRO B 68 3.23 12.14 4.06
C PRO B 68 4.19 11.01 4.44
N CYS B 69 5.01 11.21 5.47
CA CYS B 69 6.05 10.25 5.83
C CYS B 69 5.49 9.00 6.47
N ASN B 70 4.23 9.04 6.87
CA ASN B 70 3.58 7.86 7.45
C ASN B 70 2.79 7.08 6.41
N ARG B 71 2.61 7.67 5.21
CA ARG B 71 1.83 7.00 4.18
C ARG B 71 2.45 5.67 3.73
N PRO B 72 3.79 5.57 3.71
CA PRO B 72 4.31 4.27 3.36
C PRO B 72 4.10 3.21 4.42
N LYS B 73 3.64 3.60 5.60
CA LYS B 73 3.63 2.69 6.74
C LYS B 73 2.31 1.95 6.96
N ASN B 74 1.36 2.17 6.05
CA ASN B 74 0.01 1.67 6.18
C ASN B 74 -0.31 0.67 5.11
N ARG B 75 -0.97 -0.44 5.47
CA ARG B 75 -1.37 -1.47 4.48
C ARG B 75 -2.54 -1.00 3.67
N PHE B 76 -3.49 -0.35 4.33
CA PHE B 76 -4.71 0.07 3.70
C PHE B 76 -4.96 1.55 3.85
N THR B 77 -5.19 2.19 2.73
CA THR B 77 -5.51 3.60 2.66
C THR B 77 -6.74 4.00 3.50
N ASN B 78 -7.58 3.03 3.80
CA ASN B 78 -8.88 3.27 4.45
C ASN B 78 -8.96 2.64 5.84
N ILE B 79 -7.83 2.17 6.35
CA ILE B 79 -7.75 1.64 7.70
C ILE B 79 -6.67 2.45 8.40
N LEU B 80 -7.09 3.55 9.00
CA LEU B 80 -6.16 4.48 9.61
C LEU B 80 -6.44 4.57 11.10
N PRO B 81 -5.39 4.59 11.94
CA PRO B 81 -5.61 4.79 13.37
C PRO B 81 -6.18 6.18 13.66
N TYR B 82 -7.27 6.21 14.45
CA TYR B 82 -7.80 7.46 14.97
C TYR B 82 -6.76 8.07 15.88
N ASP B 83 -6.67 9.40 15.86
CA ASP B 83 -5.70 10.10 16.68
C ASP B 83 -5.85 9.81 18.18
N HIS B 84 -7.09 9.90 18.69
CA HIS B 84 -7.31 9.94 20.14
C HIS B 84 -6.95 8.64 20.83
N SER B 85 -6.77 7.58 20.05
CA SER B 85 -6.60 6.28 20.66
C SER B 85 -5.43 5.49 20.10
N ARG B 86 -4.60 6.12 19.28
CA ARG B 86 -3.52 5.41 18.61
C ARG B 86 -2.38 5.13 19.58
N PHE B 87 -1.63 4.07 19.30
CA PHE B 87 -0.41 3.84 20.04
C PHE B 87 0.66 4.81 19.56
N LYS B 88 1.42 5.37 20.49
CA LYS B 88 2.49 6.30 20.19
C LYS B 88 3.85 5.75 20.63
N LEU B 89 4.76 5.64 19.68
CA LEU B 89 6.11 5.27 20.02
C LEU B 89 6.80 6.48 20.59
N GLN B 90 7.86 6.25 21.37
CA GLN B 90 8.69 7.35 21.82
C GLN B 90 9.25 8.07 20.61
N PRO B 91 8.96 9.36 20.48
CA PRO B 91 9.42 10.08 19.31
C PRO B 91 10.83 10.62 19.48
N VAL B 92 11.44 10.92 18.33
CA VAL B 92 12.56 11.84 18.24
C VAL B 92 11.99 13.23 17.96
N ASP B 93 12.33 14.22 18.76
CA ASP B 93 11.79 15.57 18.55
C ASP B 93 12.07 16.02 17.13
N ASP B 94 11.04 16.59 16.49
CA ASP B 94 11.19 17.24 15.18
C ASP B 94 11.34 16.26 14.02
N ASP B 95 11.07 14.99 14.24
CA ASP B 95 11.18 13.99 13.23
C ASP B 95 9.81 13.46 12.99
N GLU B 96 9.10 14.08 12.08
CA GLU B 96 7.67 13.96 11.94
C GLU B 96 6.95 12.66 12.30
N GLY B 97 7.39 11.54 11.79
CA GLY B 97 6.60 10.37 12.00
C GLY B 97 7.22 9.33 12.84
N SER B 98 8.12 9.76 13.68
CA SER B 98 8.91 8.86 14.48
C SER B 98 8.09 8.17 15.55
N ASP B 99 6.95 8.75 15.92
CA ASP B 99 6.08 8.11 16.89
C ASP B 99 5.10 7.08 16.29
N TYR B 100 5.08 6.95 14.98
CA TYR B 100 3.92 6.36 14.33
C TYR B 100 3.95 4.87 14.05
N ILE B 101 2.83 4.26 14.39
CA ILE B 101 2.50 2.91 13.96
C ILE B 101 0.97 2.80 13.78
N ASN B 102 0.55 2.04 12.78
CA ASN B 102 -0.88 1.81 12.55
C ASN B 102 -1.43 0.88 13.61
N ALA B 103 -1.74 1.46 14.77
CA ALA B 103 -2.26 0.70 15.91
C ALA B 103 -3.08 1.58 16.84
N ASN B 104 -4.00 0.95 17.57
CA ASN B 104 -4.87 1.64 18.54
C ASN B 104 -5.09 0.79 19.78
N TYR B 105 -5.27 1.45 20.92
CA TYR B 105 -5.76 0.79 22.13
C TYR B 105 -7.23 0.49 21.98
N VAL B 106 -7.62 -0.72 22.34
CA VAL B 106 -8.99 -1.19 22.25
C VAL B 106 -9.36 -1.78 23.61
N PRO B 107 -10.58 -1.52 24.12
CA PRO B 107 -10.95 -2.05 25.44
C PRO B 107 -11.11 -3.56 25.44
N GLY B 108 -11.05 -4.13 26.63
CA GLY B 108 -11.35 -5.52 26.81
C GLY B 108 -12.32 -5.62 27.96
N HIS B 109 -12.47 -6.84 28.48
CA HIS B 109 -13.29 -7.06 29.65
C HIS B 109 -12.64 -6.46 30.88
N ASN B 110 -11.33 -6.28 30.84
CA ASN B 110 -10.57 -6.02 32.06
C ASN B 110 -9.89 -4.67 32.13
N SER B 111 -9.85 -3.96 31.01
CA SER B 111 -9.16 -2.66 30.95
C SER B 111 -9.59 -1.87 29.71
N PRO B 112 -9.75 -0.54 29.87
CA PRO B 112 -10.02 0.35 28.73
C PRO B 112 -8.90 0.30 27.71
N ARG B 113 -7.72 -0.13 28.14
CA ARG B 113 -6.61 -0.29 27.23
C ARG B 113 -6.02 -1.67 27.34
N GLU B 114 -6.89 -2.67 27.49
CA GLU B 114 -6.46 -4.05 27.56
C GLU B 114 -5.67 -4.46 26.31
N PHE B 115 -6.13 -4.06 25.13
CA PHE B 115 -5.50 -4.49 23.89
C PHE B 115 -4.84 -3.33 23.12
N ILE B 116 -3.79 -3.64 22.38
CA ILE B 116 -3.31 -2.76 21.32
C ILE B 116 -3.57 -3.53 20.04
N VAL B 117 -4.42 -3.01 19.16
CA VAL B 117 -4.59 -3.70 17.88
C VAL B 117 -3.91 -2.95 16.73
N THR B 118 -3.21 -3.72 15.91
CA THR B 118 -2.33 -3.19 14.90
C THR B 118 -2.45 -4.05 13.64
N GLN B 119 -2.11 -3.50 12.48
CA GLN B 119 -2.12 -4.29 11.24
C GLN B 119 -1.05 -5.35 11.32
N GLY B 120 -1.12 -6.36 10.46
CA GLY B 120 0.04 -7.22 10.23
C GLY B 120 1.24 -6.36 9.84
N PRO B 121 2.37 -6.48 10.57
CA PRO B 121 3.53 -5.67 10.26
C PRO B 121 4.00 -5.80 8.82
N LEU B 122 4.50 -4.70 8.27
CA LEU B 122 5.20 -4.74 7.00
C LEU B 122 6.67 -5.00 7.30
N HIS B 123 7.39 -5.60 6.36
CA HIS B 123 8.84 -5.70 6.46
C HIS B 123 9.43 -4.33 6.88
N SER B 124 8.95 -3.25 6.26
CA SER B 124 9.45 -1.93 6.58
C SER B 124 8.88 -1.35 7.86
N THR B 125 7.97 -2.08 8.52
CA THR B 125 7.47 -1.68 9.84
C THR B 125 7.78 -2.67 10.96
N ARG B 126 8.54 -3.72 10.66
CA ARG B 126 8.97 -4.74 11.63
C ARG B 126 9.56 -4.17 12.92
N ASP B 127 10.53 -3.27 12.74
CA ASP B 127 11.22 -2.61 13.86
C ASP B 127 10.29 -1.79 14.73
N ASP B 128 9.40 -1.03 14.07
CA ASP B 128 8.39 -0.25 14.76
C ASP B 128 7.56 -1.19 15.62
N PHE B 129 7.12 -2.31 15.03
CA PHE B 129 6.27 -3.26 15.74
C PHE B 129 6.93 -3.77 17.02
N TRP B 130 8.21 -4.11 16.93
CA TRP B 130 8.92 -4.68 18.07
C TRP B 130 9.21 -3.59 19.12
N ARG B 131 9.45 -2.37 18.66
CA ARG B 131 9.64 -1.26 19.57
C ARG B 131 8.33 -0.96 20.32
N MET B 132 7.20 -1.14 19.65
CA MET B 132 5.89 -1.02 20.28
C MET B 132 5.68 -2.09 21.34
N CYS B 133 5.96 -3.36 20.98
CA CYS B 133 5.91 -4.46 21.94
C CYS B 133 6.75 -4.17 23.20
N TRP B 134 7.98 -3.67 23.01
CA TRP B 134 8.86 -3.39 24.12
C TRP B 134 8.37 -2.20 24.93
N GLU B 135 8.13 -1.09 24.26
CA GLU B 135 7.72 0.13 24.93
C GLU B 135 6.39 -0.03 25.67
N SER B 136 5.43 -0.71 25.06
CA SER B 136 4.14 -0.97 25.71
C SER B 136 4.26 -1.91 26.91
N ASN B 137 5.39 -2.60 27.02
CA ASN B 137 5.64 -3.55 28.11
C ASN B 137 4.76 -4.79 27.97
N SER B 138 4.37 -5.08 26.74
CA SER B 138 3.50 -6.19 26.46
C SER B 138 4.22 -7.52 26.61
N ARG B 139 3.47 -8.55 27.00
CA ARG B 139 4.04 -9.88 27.09
C ARG B 139 3.26 -10.90 26.25
N ALA B 140 2.36 -10.44 25.39
CA ALA B 140 1.64 -11.40 24.55
C ALA B 140 1.17 -10.78 23.24
N ILE B 141 1.34 -11.55 22.16
CA ILE B 141 0.81 -11.22 20.83
C ILE B 141 -0.16 -12.31 20.37
N VAL B 142 -1.34 -11.89 19.94
CA VAL B 142 -2.27 -12.78 19.26
C VAL B 142 -2.22 -12.48 17.77
N MET B 143 -1.87 -13.46 16.97
CA MET B 143 -1.84 -13.30 15.51
C MET B 143 -2.90 -14.20 14.89
N LEU B 144 -3.86 -13.58 14.22
CA LEU B 144 -5.03 -14.28 13.71
C LEU B 144 -4.99 -14.43 12.19
N THR B 145 -3.78 -14.49 11.65
CA THR B 145 -3.56 -14.56 10.23
C THR B 145 -2.39 -15.47 9.92
N ARG B 146 -2.46 -16.18 8.81
CA ARG B 146 -1.27 -16.78 8.24
C ARG B 146 -0.56 -15.68 7.44
N CYS B 147 0.72 -15.91 7.11
CA CYS B 147 1.49 -14.91 6.35
C CYS B 147 1.07 -14.81 4.90
N PHE B 148 0.67 -15.95 4.33
CA PHE B 148 0.17 -15.99 2.97
C PHE B 148 -1.15 -16.72 2.96
N GLU B 149 -2.17 -16.09 2.39
CA GLU B 149 -3.45 -16.76 2.19
C GLU B 149 -4.02 -16.41 0.82
N LYS B 150 -4.49 -17.42 0.11
CA LYS B 150 -5.08 -17.24 -1.22
C LYS B 150 -4.25 -16.28 -2.09
N GLY B 151 -3.02 -16.69 -2.39
CA GLY B 151 -2.10 -15.87 -3.20
C GLY B 151 -1.93 -14.42 -2.76
N ARG B 152 -2.00 -14.17 -1.46
CA ARG B 152 -1.79 -12.83 -0.96
C ARG B 152 -0.81 -12.89 0.19
N GLU B 153 0.01 -11.85 0.31
CA GLU B 153 0.79 -11.70 1.51
C GLU B 153 -0.06 -10.89 2.48
N LYS B 154 -0.34 -11.47 3.63
CA LYS B 154 -1.19 -10.82 4.62
C LYS B 154 -0.34 -10.19 5.70
N CYS B 155 0.86 -10.74 5.87
CA CYS B 155 1.74 -10.39 6.97
C CYS B 155 3.18 -10.80 6.72
N ASP B 156 4.12 -9.96 7.14
CA ASP B 156 5.55 -10.25 7.08
C ASP B 156 5.90 -11.32 8.11
N GLN B 157 6.91 -12.14 7.84
CA GLN B 157 7.52 -12.93 8.90
C GLN B 157 8.37 -11.99 9.72
N TYR B 158 7.73 -11.33 10.67
CA TYR B 158 8.36 -10.31 11.46
C TYR B 158 9.12 -10.94 12.62
N TRP B 159 9.12 -12.26 12.68
CA TRP B 159 9.76 -12.95 13.79
C TRP B 159 10.71 -14.05 13.31
N PRO B 160 11.74 -14.39 14.11
CA PRO B 160 12.84 -15.27 13.67
C PRO B 160 12.39 -16.64 13.14
N ASN B 161 13.15 -17.19 12.21
CA ASN B 161 12.76 -18.43 11.57
C ASN B 161 13.47 -19.64 12.17
N ASP B 162 14.40 -19.37 13.07
CA ASP B 162 15.08 -20.39 13.84
C ASP B 162 15.37 -19.83 15.23
N THR B 163 16.25 -20.50 15.96
CA THR B 163 16.56 -20.14 17.34
C THR B 163 17.65 -19.08 17.46
N VAL B 164 18.27 -18.71 16.35
CA VAL B 164 19.29 -17.66 16.37
C VAL B 164 18.62 -16.31 16.65
N PRO B 165 19.18 -15.53 17.58
CA PRO B 165 18.59 -14.22 17.85
C PRO B 165 18.68 -13.31 16.64
N VAL B 166 17.69 -12.44 16.49
CA VAL B 166 17.70 -11.44 15.42
C VAL B 166 17.45 -10.12 16.13
N PHE B 167 18.18 -9.08 15.74
CA PHE B 167 17.91 -7.75 16.27
C PHE B 167 16.94 -7.05 15.31
N TYR B 168 15.90 -6.46 15.87
CA TYR B 168 15.01 -5.60 15.13
C TYR B 168 15.12 -4.25 15.84
N GLY B 169 15.76 -3.29 15.20
CA GLY B 169 16.14 -2.05 15.88
C GLY B 169 17.06 -2.35 17.04
N ASP B 170 16.71 -1.87 18.23
CA ASP B 170 17.49 -2.23 19.43
C ASP B 170 16.87 -3.43 20.14
N ILE B 171 15.77 -3.96 19.60
CA ILE B 171 15.09 -5.08 20.25
C ILE B 171 15.67 -6.39 19.75
N LYS B 172 16.33 -7.11 20.64
CA LYS B 172 16.85 -8.43 20.31
C LYS B 172 15.76 -9.46 20.60
N VAL B 173 15.37 -10.23 19.58
CA VAL B 173 14.29 -11.21 19.71
C VAL B 173 14.76 -12.65 19.46
N GLN B 174 14.54 -13.54 20.43
CA GLN B 174 14.92 -14.96 20.24
C GLN B 174 13.88 -15.98 20.68
N ILE B 175 13.81 -17.11 19.97
CA ILE B 175 12.85 -18.19 20.26
C ILE B 175 13.36 -19.08 21.38
N LEU B 176 12.58 -19.26 22.44
CA LEU B 176 12.96 -20.14 23.56
C LEU B 176 12.28 -21.51 23.47
N ASN B 177 11.14 -21.54 22.79
CA ASN B 177 10.31 -22.72 22.71
C ASN B 177 9.18 -22.48 21.74
N ASP B 178 8.69 -23.53 21.12
CA ASP B 178 7.48 -23.41 20.34
C ASP B 178 6.62 -24.64 20.50
N SER B 179 5.31 -24.42 20.66
CA SER B 179 4.34 -25.48 20.81
C SER B 179 3.29 -25.46 19.71
N HIS B 180 2.89 -26.66 19.27
CA HIS B 180 2.03 -26.85 18.11
C HIS B 180 0.71 -27.52 18.45
N TYR B 181 -0.38 -26.84 18.17
CA TYR B 181 -1.68 -27.38 18.45
C TYR B 181 -2.47 -27.57 17.15
N ALA B 182 -3.61 -28.24 17.22
CA ALA B 182 -4.46 -28.48 16.04
C ALA B 182 -4.70 -27.20 15.22
N ASP B 183 -5.08 -26.11 15.90
CA ASP B 183 -5.44 -24.87 15.21
C ASP B 183 -4.55 -23.68 15.53
N TRP B 184 -3.42 -23.92 16.16
CA TRP B 184 -2.56 -22.81 16.56
C TRP B 184 -1.16 -23.20 17.00
N VAL B 185 -0.24 -22.26 16.86
CA VAL B 185 1.13 -22.46 17.26
C VAL B 185 1.44 -21.41 18.29
N MET B 186 2.04 -21.85 19.39
CA MET B 186 2.46 -20.95 20.46
C MET B 186 3.98 -20.87 20.47
N THR B 187 4.50 -19.65 20.47
CA THR B 187 5.94 -19.45 20.39
C THR B 187 6.37 -18.54 21.50
N GLU B 188 7.32 -19.03 22.29
CA GLU B 188 7.83 -18.28 23.41
C GLU B 188 9.15 -17.60 23.06
N PHE B 189 9.14 -16.27 23.05
CA PHE B 189 10.31 -15.45 22.74
C PHE B 189 11.00 -14.89 23.98
N MET B 190 12.30 -14.65 23.89
CA MET B 190 12.91 -13.72 24.82
C MET B 190 13.23 -12.41 24.12
N LEU B 191 12.62 -11.34 24.61
CA LEU B 191 12.97 -10.00 24.16
C LEU B 191 14.08 -9.41 25.03
N CYS B 192 15.05 -8.79 24.37
CA CYS B 192 16.12 -8.10 25.08
C CYS B 192 16.32 -6.71 24.52
N ARG B 193 16.44 -5.74 25.43
CA ARG B 193 16.90 -4.41 25.08
C ARG B 193 17.86 -3.93 26.17
N GLY B 194 19.12 -3.75 25.83
CA GLY B 194 20.12 -3.45 26.82
C GLY B 194 20.38 -4.73 27.58
N SER B 195 20.18 -4.70 28.89
CA SER B 195 20.40 -5.88 29.73
C SER B 195 19.08 -6.34 30.31
N GLU B 196 18.02 -5.70 29.85
CA GLU B 196 16.68 -6.01 30.30
C GLU B 196 16.13 -7.12 29.41
N GLN B 197 15.46 -8.10 30.02
CA GLN B 197 14.94 -9.29 29.32
C GLN B 197 13.50 -9.57 29.69
N ARG B 198 12.70 -9.95 28.70
CA ARG B 198 11.31 -10.33 28.91
C ARG B 198 10.92 -11.56 28.12
N ILE B 199 10.09 -12.41 28.71
CA ILE B 199 9.41 -13.49 27.97
C ILE B 199 8.13 -12.92 27.36
N LEU B 200 7.97 -13.11 26.05
CA LEU B 200 6.74 -12.73 25.38
C LEU B 200 6.20 -13.99 24.71
N ARG B 201 4.89 -14.22 24.84
CA ARG B 201 4.24 -15.38 24.24
C ARG B 201 3.41 -14.99 23.04
N HIS B 202 3.68 -15.67 21.91
CA HIS B 202 3.09 -15.36 20.61
C HIS B 202 2.04 -16.42 20.27
N PHE B 203 0.78 -16.01 20.21
CA PHE B 203 -0.33 -16.92 20.02
C PHE B 203 -0.78 -16.83 18.57
N HIS B 204 -0.49 -17.86 17.78
CA HIS B 204 -0.71 -17.76 16.35
C HIS B 204 -1.81 -18.71 15.87
N PHE B 205 -2.99 -18.15 15.65
CA PHE B 205 -4.10 -18.93 15.13
C PHE B 205 -3.88 -19.12 13.63
N THR B 206 -3.63 -20.37 13.21
CA THR B 206 -3.15 -20.63 11.86
C THR B 206 -4.19 -21.31 10.95
N THR B 207 -5.41 -21.40 11.45
CA THR B 207 -6.42 -22.25 10.88
C THR B 207 -7.58 -21.50 10.21
N TRP B 208 -7.65 -20.19 10.43
CA TRP B 208 -8.66 -19.33 9.80
C TRP B 208 -8.74 -19.57 8.29
N PRO B 209 -9.94 -19.84 7.76
CA PRO B 209 -10.03 -20.19 6.35
C PRO B 209 -9.77 -19.01 5.41
N ASP B 210 -9.23 -19.31 4.22
CA ASP B 210 -9.01 -18.30 3.18
C ASP B 210 -10.27 -17.48 2.94
N PHE B 211 -11.42 -18.14 2.94
CA PHE B 211 -12.69 -17.47 2.71
C PHE B 211 -13.65 -17.79 3.84
N GLY B 212 -14.31 -16.77 4.37
CA GLY B 212 -15.30 -16.95 5.42
C GLY B 212 -14.72 -17.07 6.81
N VAL B 213 -15.53 -17.61 7.71
CA VAL B 213 -15.19 -17.75 9.13
C VAL B 213 -14.95 -19.24 9.43
N PRO B 214 -14.34 -19.57 10.59
CA PRO B 214 -14.09 -20.99 10.89
C PRO B 214 -15.39 -21.82 10.86
N ASN B 215 -15.42 -22.89 10.06
CA ASN B 215 -16.67 -23.58 9.66
C ASN B 215 -17.12 -24.74 10.51
N PRO B 216 -16.32 -25.09 11.52
CA PRO B 216 -16.94 -25.32 12.82
C PRO B 216 -16.37 -24.21 13.71
N PRO B 217 -17.24 -23.40 14.34
CA PRO B 217 -16.72 -22.24 15.07
C PRO B 217 -15.96 -22.65 16.32
N GLN B 218 -16.06 -23.92 16.68
CA GLN B 218 -15.42 -24.47 17.86
C GLN B 218 -13.90 -24.34 17.83
N THR B 219 -13.34 -24.28 16.62
CA THR B 219 -11.90 -24.10 16.48
C THR B 219 -11.45 -22.73 17.02
N LEU B 220 -12.19 -21.67 16.70
CA LEU B 220 -11.89 -20.36 17.28
C LEU B 220 -12.12 -20.34 18.80
N VAL B 221 -13.25 -20.87 19.25
CA VAL B 221 -13.61 -20.92 20.68
C VAL B 221 -12.50 -21.64 21.45
N ARG B 222 -12.02 -22.73 20.88
CA ARG B 222 -10.99 -23.53 21.50
C ARG B 222 -9.69 -22.73 21.69
N PHE B 223 -9.34 -21.95 20.68
CA PHE B 223 -8.13 -21.13 20.72
C PHE B 223 -8.25 -20.03 21.78
N VAL B 224 -9.42 -19.39 21.81
CA VAL B 224 -9.71 -18.34 22.77
C VAL B 224 -9.63 -18.87 24.22
N ARG B 225 -10.07 -20.11 24.42
CA ARG B 225 -9.94 -20.73 25.74
C ARG B 225 -8.47 -20.98 26.09
N ALA B 226 -7.72 -21.51 25.12
CA ALA B 226 -6.30 -21.73 25.28
C ALA B 226 -5.58 -20.41 25.57
N PHE B 227 -5.93 -19.37 24.83
CA PHE B 227 -5.35 -18.06 25.07
C PHE B 227 -5.60 -17.63 26.50
N ARG B 228 -6.87 -17.57 26.88
CA ARG B 228 -7.29 -17.03 28.16
C ARG B 228 -6.85 -17.87 29.36
N ASP B 229 -6.56 -19.15 29.11
CA ASP B 229 -5.95 -20.03 30.10
C ASP B 229 -4.54 -19.60 30.44
N ARG B 230 -3.78 -19.28 29.40
CA ARG B 230 -2.37 -19.01 29.53
C ARG B 230 -2.11 -17.62 30.11
N ILE B 231 -2.92 -16.64 29.72
CA ILE B 231 -2.68 -15.23 30.03
C ILE B 231 -3.08 -14.77 31.44
N GLY B 232 -4.38 -14.71 31.72
CA GLY B 232 -4.83 -14.28 33.05
C GLY B 232 -5.34 -12.84 33.04
N ALA B 233 -6.54 -12.64 33.55
CA ALA B 233 -7.27 -11.37 33.46
C ALA B 233 -6.46 -10.09 33.71
N GLU B 234 -5.39 -10.20 34.49
CA GLU B 234 -4.59 -9.05 34.89
C GLU B 234 -3.58 -8.65 33.82
N GLN B 235 -3.27 -9.59 32.93
CA GLN B 235 -2.25 -9.34 31.92
C GLN B 235 -2.75 -8.35 30.89
N ARG B 236 -1.83 -7.51 30.43
CA ARG B 236 -2.09 -6.44 29.46
C ARG B 236 -0.86 -5.51 29.45
N PRO B 237 -0.68 -4.73 28.35
CA PRO B 237 -1.53 -4.79 27.16
C PRO B 237 -1.20 -6.02 26.33
N ILE B 238 -2.20 -6.53 25.60
CA ILE B 238 -2.00 -7.63 24.68
C ILE B 238 -1.99 -7.05 23.26
N VAL B 239 -0.91 -7.31 22.51
CA VAL B 239 -0.89 -6.96 21.09
C VAL B 239 -1.71 -7.99 20.31
N VAL B 240 -2.64 -7.50 19.50
CA VAL B 240 -3.49 -8.33 18.65
C VAL B 240 -3.43 -7.80 17.23
N HIS B 241 -3.17 -8.66 16.26
CA HIS B 241 -3.25 -8.32 14.84
C HIS B 241 -3.72 -9.41 13.91
N CYS B 242 -4.26 -9.03 12.80
CA CYS B 242 -4.54 -9.91 11.69
C CYS B 242 -3.78 -9.38 10.51
N SER B 243 -4.44 -9.02 9.42
CA SER B 243 -3.77 -8.35 8.33
C SER B 243 -4.02 -6.83 8.23
N ALA B 244 -5.26 -6.41 8.31
CA ALA B 244 -5.63 -5.01 8.41
C ALA B 244 -5.69 -4.60 9.89
N GLY B 245 -5.86 -5.59 10.77
CA GLY B 245 -5.97 -5.34 12.21
C GLY B 245 -7.32 -4.79 12.61
N VAL B 246 -8.36 -5.34 12.00
CA VAL B 246 -9.75 -5.01 12.29
C VAL B 246 -10.41 -6.24 11.70
N GLY B 247 -11.53 -6.70 12.23
CA GLY B 247 -12.15 -7.87 11.60
C GLY B 247 -11.94 -9.13 12.38
N ARG B 248 -10.91 -9.90 12.03
CA ARG B 248 -10.56 -11.08 12.81
C ARG B 248 -10.10 -10.69 14.22
N SER B 249 -9.27 -9.66 14.30
CA SER B 249 -8.85 -9.06 15.56
C SER B 249 -10.07 -8.66 16.39
N GLY B 250 -11.04 -8.04 15.73
CA GLY B 250 -12.25 -7.59 16.39
C GLY B 250 -13.08 -8.73 16.88
N THR B 251 -13.28 -9.72 16.00
CA THR B 251 -13.99 -10.94 16.32
C THR B 251 -13.38 -11.59 17.55
N PHE B 252 -12.07 -11.84 17.53
CA PHE B 252 -11.33 -12.45 18.64
C PHE B 252 -11.53 -11.70 19.96
N ILE B 253 -11.33 -10.37 19.95
CA ILE B 253 -11.52 -9.57 21.15
C ILE B 253 -12.95 -9.68 21.75
N THR B 254 -13.98 -9.58 20.89
CA THR B 254 -15.37 -9.69 21.35
C THR B 254 -15.66 -11.09 21.92
N LEU B 255 -15.15 -12.11 21.24
CA LEU B 255 -15.34 -13.46 21.71
C LEU B 255 -14.67 -13.66 23.07
N ASP B 256 -13.40 -13.29 23.16
CA ASP B 256 -12.65 -13.41 24.40
C ASP B 256 -13.34 -12.60 25.50
N ARG B 257 -13.89 -11.44 25.11
CA ARG B 257 -14.58 -10.60 26.07
C ARG B 257 -15.85 -11.21 26.63
N ILE B 258 -16.75 -11.69 25.77
CA ILE B 258 -18.02 -12.25 26.26
C ILE B 258 -17.84 -13.56 27.01
N LEU B 259 -16.86 -14.37 26.60
CA LEU B 259 -16.60 -15.63 27.27
C LEU B 259 -16.19 -15.43 28.74
N GLN B 260 -15.43 -14.38 29.02
CA GLN B 260 -15.14 -14.00 30.39
C GLN B 260 -16.41 -13.53 31.09
N GLN B 261 -17.09 -12.56 30.49
CA GLN B 261 -18.31 -12.03 31.03
C GLN B 261 -19.34 -13.06 31.48
N ILE B 262 -19.55 -14.13 30.71
CA ILE B 262 -20.59 -15.12 31.05
C ILE B 262 -20.32 -15.89 32.34
N ASN B 263 -19.13 -15.76 32.89
CA ASN B 263 -18.79 -16.38 34.18
C ASN B 263 -19.36 -15.59 35.33
N THR B 264 -19.63 -14.33 35.05
CA THR B 264 -19.82 -13.33 36.08
C THR B 264 -21.14 -12.56 35.96
N SER B 265 -21.76 -12.62 34.78
CA SER B 265 -23.01 -11.90 34.50
C SER B 265 -24.13 -12.78 33.99
N ASP B 266 -25.30 -12.19 33.81
CA ASP B 266 -26.48 -12.87 33.26
C ASP B 266 -26.83 -12.42 31.84
N TYR B 267 -26.05 -11.51 31.29
CA TYR B 267 -26.34 -10.97 29.97
C TYR B 267 -25.08 -10.83 29.18
N VAL B 268 -25.23 -10.55 27.89
CA VAL B 268 -24.10 -10.36 27.00
C VAL B 268 -24.54 -9.27 26.02
N ASP B 269 -23.64 -8.34 25.69
CA ASP B 269 -23.96 -7.21 24.83
C ASP B 269 -23.00 -7.09 23.67
N ILE B 270 -23.06 -8.08 22.78
CA ILE B 270 -22.18 -8.15 21.60
C ILE B 270 -22.20 -6.85 20.79
N PHE B 271 -23.39 -6.37 20.46
CA PHE B 271 -23.56 -5.11 19.73
C PHE B 271 -22.88 -3.93 20.41
N GLY B 272 -23.08 -3.80 21.72
CA GLY B 272 -22.49 -2.68 22.45
C GLY B 272 -20.99 -2.76 22.51
N ILE B 273 -20.47 -3.98 22.60
CA ILE B 273 -19.01 -4.19 22.57
C ILE B 273 -18.47 -3.72 21.22
N VAL B 274 -19.05 -4.22 20.13
CA VAL B 274 -18.62 -3.87 18.78
C VAL B 274 -18.80 -2.36 18.56
N TYR B 275 -19.94 -1.82 18.98
CA TYR B 275 -20.15 -0.38 18.97
C TYR B 275 -18.99 0.36 19.66
N ALA B 276 -18.65 -0.07 20.87
CA ALA B 276 -17.59 0.55 21.65
C ALA B 276 -16.24 0.46 20.95
N MET B 277 -15.95 -0.69 20.35
CA MET B 277 -14.65 -0.91 19.68
C MET B 277 -14.48 0.01 18.47
N ARG B 278 -15.58 0.21 17.73
CA ARG B 278 -15.61 1.07 16.54
C ARG B 278 -15.24 2.51 16.84
N LYS B 279 -15.43 2.92 18.09
CA LYS B 279 -15.04 4.26 18.52
C LYS B 279 -13.54 4.36 18.71
N GLU B 280 -12.88 3.22 18.87
CA GLU B 280 -11.47 3.18 19.22
C GLU B 280 -10.59 2.86 18.03
N ARG B 281 -11.12 2.06 17.10
CA ARG B 281 -10.45 1.77 15.85
C ARG B 281 -11.49 1.41 14.79
N VAL B 282 -11.25 1.88 13.57
CA VAL B 282 -12.15 1.71 12.45
C VAL B 282 -12.41 0.23 12.15
N TRP B 283 -13.63 -0.06 11.70
CA TRP B 283 -14.01 -1.37 11.13
C TRP B 283 -13.77 -2.61 12.00
N MET B 284 -13.79 -2.47 13.32
CA MET B 284 -13.33 -3.55 14.19
C MET B 284 -13.95 -4.94 13.94
N VAL B 285 -15.26 -5.09 13.91
CA VAL B 285 -15.73 -6.36 13.37
C VAL B 285 -16.11 -6.03 11.93
N GLN B 286 -15.30 -6.53 10.99
CA GLN B 286 -15.34 -6.04 9.61
C GLN B 286 -16.57 -6.46 8.83
N THR B 287 -16.91 -7.74 8.87
CA THR B 287 -17.97 -8.26 8.02
C THR B 287 -19.16 -8.78 8.83
N GLU B 288 -20.33 -8.83 8.21
CA GLU B 288 -21.53 -9.38 8.85
C GLU B 288 -21.36 -10.85 9.24
N GLN B 289 -20.70 -11.60 8.37
CA GLN B 289 -20.39 -13.00 8.62
C GLN B 289 -19.62 -13.16 9.94
N GLN B 290 -18.63 -12.30 10.18
CA GLN B 290 -17.84 -12.30 11.42
C GLN B 290 -18.64 -11.94 12.67
N TYR B 291 -19.62 -11.05 12.48
CA TYR B 291 -20.51 -10.62 13.54
C TYR B 291 -21.42 -11.76 13.98
N ILE B 292 -22.01 -12.45 13.01
CA ILE B 292 -22.77 -13.67 13.26
C ILE B 292 -21.91 -14.75 13.92
N CYS B 293 -20.65 -14.84 13.50
CA CYS B 293 -19.72 -15.86 14.00
C CYS B 293 -19.52 -15.74 15.52
N ILE B 294 -19.33 -14.51 15.99
CA ILE B 294 -19.29 -14.23 17.43
C ILE B 294 -20.49 -14.83 18.14
N HIS B 295 -21.69 -14.56 17.62
CA HIS B 295 -22.93 -15.11 18.15
C HIS B 295 -22.98 -16.63 18.11
N GLN B 296 -22.52 -17.22 17.00
CA GLN B 296 -22.46 -18.65 16.89
C GLN B 296 -21.52 -19.23 17.93
N CYS B 297 -20.34 -18.66 18.05
CA CYS B 297 -19.36 -19.15 19.00
C CYS B 297 -19.91 -19.24 20.41
N LEU B 298 -20.59 -18.18 20.86
CA LEU B 298 -21.16 -18.14 22.21
C LEU B 298 -22.25 -19.18 22.39
N LEU B 299 -23.08 -19.34 21.37
CA LEU B 299 -24.16 -20.33 21.41
C LEU B 299 -23.61 -21.76 21.53
N ALA B 300 -22.46 -22.02 20.91
CA ALA B 300 -21.81 -23.33 21.05
C ALA B 300 -21.45 -23.54 22.52
N VAL B 301 -20.93 -22.49 23.14
CA VAL B 301 -20.49 -22.47 24.53
C VAL B 301 -21.63 -22.71 25.50
N LEU B 302 -22.73 -21.99 25.30
CA LEU B 302 -23.91 -22.12 26.18
C LEU B 302 -24.62 -23.47 26.09
N GLU B 303 -24.18 -24.34 25.18
CA GLU B 303 -24.88 -25.60 24.92
C GLU B 303 -24.05 -26.88 25.08
N GLY B 304 -22.73 -26.77 25.02
CA GLY B 304 -21.88 -27.95 24.84
C GLY B 304 -21.20 -27.83 23.48
N LYS B 305 -19.89 -27.60 23.51
CA LYS B 305 -19.09 -27.28 22.34
C LYS B 305 -18.11 -28.41 22.04
#